data_4RFZ
#
_entry.id   4RFZ
#
_cell.length_a   71.936
_cell.length_b   106.197
_cell.length_c   38.220
_cell.angle_alpha   90.00
_cell.angle_beta   90.00
_cell.angle_gamma   90.00
#
_symmetry.space_group_name_H-M   'P 21 21 2'
#
loop_
_entity.id
_entity.type
_entity.pdbx_description
1 polymer 'Tyrosine-protein kinase BTK'
2 non-polymer 6-(dimethylamino)-8-fluoro-2-[2-(hydroxymethyl)-3-(1-methyl-5-{[5-(morpholin-4-ylcarbonyl)pyridin-2-yl]amino}-6-oxo-1,6-dihydropyridin-3-yl)phenyl]isoquinolin-1(2H)-one
3 non-polymer 'DIMETHYL SULFOXIDE'
4 water water
#
_entity_poly.entity_id   1
_entity_poly.type   'polypeptide(L)'
_entity_poly.pdbx_seq_one_letter_code
;GSQQNKNAPSTAGLGYGSWEIDPKDLTFLKELGTGQFGVVKYGKWRGQYDVAIKMIKEGSMSEDEFIEEAKVMMNLSHEK
LVQLYGVCTKQRPIFIITEYMANGCLLNYLREARHAFQTQQLLEMCKDVCEAMEYLESKQFLHRDLAARNCLVNDQGVVK
VSDFGLSRYVLDDEYTSSVGSKFPVRWSPPEVLMYSKFSSKSDIWAFGVLMWEIYSLGKMPYERFTNSETAEHIAQGLRL
YRPHLASAAVYTIMYSCWHEKADERPTFKILLSNILDVMDEES
;
_entity_poly.pdbx_strand_id   A
#
loop_
_chem_comp.id
_chem_comp.type
_chem_comp.name
_chem_comp.formula
3OV non-polymer 6-(dimethylamino)-8-fluoro-2-[2-(hydroxymethyl)-3-(1-methyl-5-{[5-(morpholin-4-ylcarbonyl)pyridin-2-yl]amino}-6-oxo-1,6-dihydropyridin-3-yl)phenyl]isoquinolin-1(2H)-one 'C34 H33 F N6 O5'
DMS non-polymer 'DIMETHYL SULFOXIDE' 'C2 H6 O S'
#
# COMPACT_ATOMS: atom_id res chain seq x y z
N GLU A 20 7.71 5.82 -22.40
CA GLU A 20 7.63 7.29 -22.51
C GLU A 20 6.34 7.77 -23.20
N ILE A 21 5.47 8.35 -22.39
CA ILE A 21 4.27 8.96 -22.93
C ILE A 21 4.58 10.34 -23.46
N ASP A 22 3.97 10.71 -24.59
CA ASP A 22 4.07 12.02 -25.13
C ASP A 22 3.12 12.93 -24.35
N PRO A 23 3.63 14.04 -23.77
CA PRO A 23 2.74 14.95 -23.00
C PRO A 23 1.64 15.55 -23.84
N LYS A 24 1.81 15.59 -25.17
CA LYS A 24 0.71 16.08 -25.99
C LYS A 24 -0.55 15.20 -25.86
N ASP A 25 -0.37 13.95 -25.43
CA ASP A 25 -1.51 13.04 -25.28
C ASP A 25 -2.14 13.13 -23.90
N LEU A 26 -1.78 14.11 -23.08
CA LEU A 26 -2.36 14.27 -21.71
C LEU A 26 -3.17 15.54 -21.61
N THR A 27 -4.32 15.41 -20.98
CA THR A 27 -5.12 16.57 -20.64
C THR A 27 -5.25 16.56 -19.12
N PHE A 28 -5.00 17.68 -18.48
CA PHE A 28 -5.17 17.87 -17.04
C PHE A 28 -6.52 18.44 -16.70
N LEU A 29 -7.30 17.81 -15.82
CA LEU A 29 -8.75 18.18 -15.62
C LEU A 29 -9.12 18.62 -14.20
N LYS A 30 -8.61 17.93 -13.17
CA LYS A 30 -8.88 18.32 -11.75
C LYS A 30 -7.78 17.82 -10.84
N GLU A 31 -7.58 18.47 -9.71
CA GLU A 31 -6.59 18.06 -8.73
C GLU A 31 -7.17 16.98 -7.87
N LEU A 32 -6.43 15.94 -7.65
CA LEU A 32 -6.81 14.83 -6.78
C LEU A 32 -6.27 14.96 -5.38
N GLY A 33 -5.19 15.66 -5.18
CA GLY A 33 -4.58 15.83 -3.85
C GLY A 33 -3.08 15.97 -4.00
N THR A 34 -2.39 15.90 -2.88
CA THR A 34 -0.95 16.09 -2.76
C THR A 34 -0.39 14.91 -2.00
N GLY A 35 0.67 14.30 -2.51
CA GLY A 35 1.36 13.22 -1.78
C GLY A 35 2.84 13.49 -1.64
N GLN A 36 3.61 12.44 -1.44
CA GLN A 36 5.06 12.58 -1.17
C GLN A 36 5.78 13.36 -2.27
N PHE A 37 5.30 13.24 -3.51
CA PHE A 37 5.99 13.89 -4.65
C PHE A 37 5.22 15.12 -5.14
N GLY A 38 4.29 15.66 -4.34
CA GLY A 38 3.56 16.84 -4.74
C GLY A 38 2.19 16.57 -5.29
N VAL A 39 1.76 17.42 -6.21
CA VAL A 39 0.39 17.38 -6.69
C VAL A 39 0.16 16.16 -7.59
N VAL A 40 -1.08 15.60 -7.54
CA VAL A 40 -1.53 14.54 -8.42
C VAL A 40 -2.84 15.06 -9.03
N LYS A 41 -2.95 14.92 -10.35
CA LYS A 41 -4.14 15.40 -11.07
C LYS A 41 -4.87 14.22 -11.71
N TYR A 42 -6.19 14.39 -11.87
CA TYR A 42 -6.98 13.54 -12.75
C TYR A 42 -6.95 14.10 -14.18
N GLY A 43 -6.86 13.24 -15.19
CA GLY A 43 -6.91 13.73 -16.56
C GLY A 43 -7.24 12.61 -17.51
N LYS A 44 -7.05 12.92 -18.79
CA LYS A 44 -7.33 11.94 -19.85
C LYS A 44 -6.05 11.70 -20.67
N TRP A 45 -5.88 10.45 -21.08
CA TRP A 45 -4.78 10.03 -21.96
C TRP A 45 -5.34 9.61 -23.31
N ARG A 46 -4.80 10.22 -24.36
CA ARG A 46 -5.23 9.93 -25.74
C ARG A 46 -6.70 10.24 -25.94
N GLY A 47 -7.23 11.24 -25.23
CA GLY A 47 -8.61 11.72 -25.34
C GLY A 47 -9.61 10.67 -25.01
N GLN A 48 -9.26 9.61 -24.29
CA GLN A 48 -10.14 8.49 -24.04
C GLN A 48 -10.04 7.93 -22.61
N TYR A 49 -8.82 7.76 -22.15
CA TYR A 49 -8.56 6.95 -20.96
C TYR A 49 -8.40 7.79 -19.70
N ASP A 50 -9.16 7.44 -18.65
CA ASP A 50 -8.94 8.14 -17.37
C ASP A 50 -7.60 7.79 -16.80
N VAL A 51 -6.91 8.81 -16.33
CA VAL A 51 -5.61 8.56 -15.66
C VAL A 51 -5.45 9.49 -14.46
N ALA A 52 -4.55 9.08 -13.56
CA ALA A 52 -4.00 9.98 -12.58
C ALA A 52 -2.60 10.36 -13.05
N ILE A 53 -2.21 11.61 -12.81
CA ILE A 53 -0.89 12.11 -13.29
C ILE A 53 -0.24 12.79 -12.10
N LYS A 54 0.88 12.15 -11.64
CA LYS A 54 1.69 12.79 -10.63
C LYS A 54 2.58 13.83 -11.31
N MET A 55 2.62 15.06 -10.77
CA MET A 55 3.55 16.11 -11.25
C MET A 55 4.61 16.13 -10.17
N ILE A 56 5.82 15.63 -10.46
CA ILE A 56 6.81 15.40 -9.41
C ILE A 56 7.46 16.74 -9.04
N LYS A 57 7.26 17.15 -7.79
CA LYS A 57 7.70 18.42 -7.27
C LYS A 57 9.26 18.39 -7.26
N GLU A 58 9.86 19.47 -7.75
CA GLU A 58 11.31 19.59 -7.74
C GLU A 58 11.85 19.47 -6.33
N GLY A 59 12.86 18.61 -6.15
CA GLY A 59 13.53 18.38 -4.87
C GLY A 59 12.93 17.26 -4.05
N SER A 60 11.82 16.66 -4.52
CA SER A 60 11.16 15.62 -3.73
C SER A 60 11.61 14.18 -4.06
N MET A 61 12.17 14.00 -5.25
CA MET A 61 12.46 12.69 -5.76
C MET A 61 13.86 12.56 -6.23
N SER A 62 14.45 11.35 -6.01
CA SER A 62 15.72 10.96 -6.70
C SER A 62 15.33 10.56 -8.09
N GLU A 63 15.36 11.58 -8.96
CA GLU A 63 14.70 11.46 -10.27
C GLU A 63 15.38 10.50 -11.22
N ASP A 64 16.74 10.61 -11.33
CA ASP A 64 17.42 9.75 -12.29
C ASP A 64 17.28 8.26 -11.89
N GLU A 65 17.37 7.97 -10.59
CA GLU A 65 17.17 6.60 -10.13
C GLU A 65 15.76 6.08 -10.44
N PHE A 66 14.73 6.92 -10.21
CA PHE A 66 13.39 6.53 -10.56
C PHE A 66 13.23 6.24 -12.04
N ILE A 67 13.80 7.14 -12.88
CA ILE A 67 13.64 7.02 -14.32
C ILE A 67 14.18 5.68 -14.83
N GLU A 68 15.33 5.25 -14.24
CA GLU A 68 15.82 3.95 -14.61
C GLU A 68 14.94 2.77 -14.12
N GLU A 69 14.44 2.86 -12.89
CA GLU A 69 13.49 1.89 -12.37
C GLU A 69 12.14 1.83 -13.04
N ALA A 70 11.69 2.95 -13.59
CA ALA A 70 10.36 2.97 -14.22
C ALA A 70 10.21 1.84 -15.22
N LYS A 71 11.30 1.42 -15.85
CA LYS A 71 11.25 0.31 -16.84
C LYS A 71 10.77 -0.98 -16.20
N VAL A 72 11.32 -1.32 -15.04
CA VAL A 72 10.99 -2.50 -14.24
C VAL A 72 9.57 -2.37 -13.76
N MET A 73 9.22 -1.18 -13.27
CA MET A 73 7.90 -1.02 -12.70
C MET A 73 6.81 -1.08 -13.77
N MET A 74 7.11 -0.71 -15.02
CA MET A 74 6.11 -0.82 -16.05
C MET A 74 5.83 -2.26 -16.44
N ASN A 75 6.76 -3.15 -16.14
CA ASN A 75 6.53 -4.55 -16.44
C ASN A 75 5.69 -5.25 -15.30
N LEU A 76 5.44 -4.54 -14.21
CA LEU A 76 4.58 -5.08 -13.15
C LEU A 76 3.15 -4.86 -13.54
N SER A 77 2.47 -5.96 -13.88
CA SER A 77 1.11 -5.80 -14.43
C SER A 77 0.26 -6.90 -13.74
N HIS A 78 -0.67 -6.46 -12.92
CA HIS A 78 -1.58 -7.37 -12.26
C HIS A 78 -2.86 -6.60 -12.03
N GLU A 79 -3.98 -7.31 -12.10
CA GLU A 79 -5.28 -6.62 -12.01
C GLU A 79 -5.51 -5.96 -10.65
N LYS A 80 -4.76 -6.35 -9.61
CA LYS A 80 -4.94 -5.77 -8.30
C LYS A 80 -3.79 -4.81 -7.93
N LEU A 81 -2.91 -4.49 -8.88
CA LEU A 81 -1.92 -3.43 -8.73
C LEU A 81 -2.38 -2.21 -9.53
N VAL A 82 -2.29 -1.03 -8.94
CA VAL A 82 -2.56 0.23 -9.75
C VAL A 82 -1.52 0.30 -10.83
N GLN A 83 -1.95 0.22 -12.09
CA GLN A 83 -1.08 0.06 -13.29
C GLN A 83 -0.34 1.34 -13.54
N LEU A 84 0.97 1.25 -13.73
CA LEU A 84 1.76 2.38 -14.31
C LEU A 84 1.61 2.34 -15.82
N TYR A 85 1.12 3.40 -16.41
CA TYR A 85 0.96 3.43 -17.85
C TYR A 85 2.18 3.98 -18.56
N GLY A 86 2.93 4.84 -17.89
CA GLY A 86 4.09 5.46 -18.49
C GLY A 86 4.55 6.66 -17.71
N VAL A 87 5.61 7.31 -18.25
CA VAL A 87 6.22 8.48 -17.63
C VAL A 87 6.49 9.56 -18.67
N CYS A 88 6.64 10.78 -18.24
CA CYS A 88 7.12 11.87 -19.13
C CYS A 88 8.34 12.39 -18.43
N THR A 89 9.51 12.18 -19.08
CA THR A 89 10.76 12.50 -18.42
C THR A 89 11.61 13.44 -19.22
N LYS A 90 11.12 13.89 -20.36
CA LYS A 90 11.92 14.71 -21.24
C LYS A 90 11.54 16.18 -20.99
N GLN A 91 11.28 16.49 -19.71
CA GLN A 91 10.74 17.76 -19.28
C GLN A 91 10.86 17.77 -17.76
N ARG A 92 10.67 18.93 -17.16
CA ARG A 92 10.53 19.02 -15.69
C ARG A 92 9.34 20.00 -15.40
N PRO A 93 8.41 19.60 -14.52
CA PRO A 93 8.47 18.43 -13.67
C PRO A 93 8.23 17.16 -14.49
N ILE A 94 8.79 16.03 -14.02
CA ILE A 94 8.49 14.68 -14.56
C ILE A 94 6.99 14.41 -14.28
N PHE A 95 6.37 13.60 -15.15
CA PHE A 95 5.07 13.09 -14.85
C PHE A 95 5.10 11.59 -14.70
N ILE A 96 4.24 11.09 -13.80
CA ILE A 96 4.04 9.61 -13.70
C ILE A 96 2.54 9.39 -13.99
N ILE A 97 2.24 8.59 -14.98
CA ILE A 97 0.86 8.39 -15.45
C ILE A 97 0.42 7.02 -15.02
N THR A 98 -0.72 6.97 -14.30
CA THR A 98 -1.19 5.72 -13.77
C THR A 98 -2.67 5.50 -14.01
N GLU A 99 -3.11 4.29 -13.77
CA GLU A 99 -4.50 3.95 -13.70
C GLU A 99 -5.21 4.91 -12.74
N TYR A 100 -6.45 5.26 -13.05
CA TYR A 100 -7.29 6.10 -12.19
C TYR A 100 -8.26 5.26 -11.35
N MET A 101 -8.33 5.59 -10.07
CA MET A 101 -9.11 4.81 -9.12
C MET A 101 -10.14 5.76 -8.51
N ALA A 102 -11.41 5.65 -8.99
CA ALA A 102 -12.40 6.69 -8.79
C ALA A 102 -12.83 6.90 -7.32
N ASN A 103 -12.66 5.87 -6.49
CA ASN A 103 -13.10 5.98 -5.12
C ASN A 103 -12.00 6.36 -4.12
N GLY A 104 -10.80 6.63 -4.63
CA GLY A 104 -9.77 7.19 -3.79
C GLY A 104 -9.18 6.18 -2.81
N CYS A 105 -8.62 6.76 -1.74
CA CYS A 105 -7.77 5.98 -0.82
C CYS A 105 -8.64 5.03 0.04
N LEU A 106 -8.14 3.81 0.20
CA LEU A 106 -8.85 2.77 0.97
C LEU A 106 -9.09 3.26 2.40
N LEU A 107 -8.11 3.94 3.06
CA LEU A 107 -8.27 4.36 4.44
C LEU A 107 -9.50 5.24 4.60
N ASN A 108 -9.65 6.22 3.75
CA ASN A 108 -10.79 7.11 3.84
C ASN A 108 -12.11 6.36 3.53
N TYR A 109 -12.04 5.43 2.59
CA TYR A 109 -13.21 4.59 2.17
C TYR A 109 -13.69 3.77 3.35
N LEU A 110 -12.74 3.13 4.11
CA LEU A 110 -13.09 2.28 5.27
C LEU A 110 -13.76 3.12 6.35
N ARG A 111 -13.42 4.40 6.51
CA ARG A 111 -13.86 5.27 7.57
C ARG A 111 -15.25 5.82 7.29
N GLU A 112 -15.79 5.64 6.10
CA GLU A 112 -17.15 6.20 5.77
C GLU A 112 -18.21 5.17 6.22
N ALA A 113 -18.99 5.52 7.25
CA ALA A 113 -19.97 4.61 7.82
C ALA A 113 -21.07 4.29 6.81
N ARG A 114 -21.34 5.18 5.85
CA ARG A 114 -22.43 4.90 4.90
C ARG A 114 -22.23 3.59 4.11
N HIS A 115 -20.96 3.16 3.91
CA HIS A 115 -20.79 1.93 3.14
C HIS A 115 -21.36 0.71 3.89
N ALA A 116 -21.35 0.75 5.22
CA ALA A 116 -22.00 -0.29 6.04
C ALA A 116 -21.64 -1.66 5.52
N PHE A 117 -20.30 -1.86 5.48
CA PHE A 117 -19.80 -3.08 4.87
C PHE A 117 -20.21 -4.37 5.57
N GLN A 118 -20.44 -5.41 4.80
CA GLN A 118 -20.53 -6.78 5.32
C GLN A 118 -19.11 -7.31 5.52
N THR A 119 -18.92 -8.25 6.41
CA THR A 119 -17.58 -8.77 6.64
C THR A 119 -17.09 -9.51 5.45
N GLN A 120 -17.96 -10.08 4.60
CA GLN A 120 -17.48 -10.69 3.38
C GLN A 120 -16.85 -9.67 2.46
N GLN A 121 -17.37 -8.45 2.43
CA GLN A 121 -16.76 -7.37 1.63
C GLN A 121 -15.37 -7.02 2.21
N LEU A 122 -15.26 -6.95 3.52
CA LEU A 122 -13.94 -6.70 4.15
C LEU A 122 -12.96 -7.77 3.79
N LEU A 123 -13.36 -9.04 3.81
CA LEU A 123 -12.45 -10.10 3.47
C LEU A 123 -12.05 -10.05 1.99
N GLU A 124 -12.97 -9.61 1.12
CA GLU A 124 -12.65 -9.50 -0.28
C GLU A 124 -11.63 -8.38 -0.50
N MET A 125 -11.68 -7.28 0.29
CA MET A 125 -10.64 -6.25 0.20
C MET A 125 -9.29 -6.84 0.56
N CYS A 126 -9.24 -7.66 1.63
CA CYS A 126 -7.96 -8.33 2.02
C CYS A 126 -7.49 -9.22 0.93
N LYS A 127 -8.36 -9.94 0.25
CA LYS A 127 -7.98 -10.84 -0.81
C LYS A 127 -7.45 -10.07 -2.02
N ASP A 128 -8.09 -8.94 -2.38
CA ASP A 128 -7.61 -8.08 -3.47
C ASP A 128 -6.13 -7.73 -3.21
N VAL A 129 -5.87 -7.21 -2.00
CA VAL A 129 -4.50 -6.81 -1.66
C VAL A 129 -3.56 -7.99 -1.62
N CYS A 130 -4.02 -9.12 -1.08
CA CYS A 130 -3.13 -10.29 -0.99
C CYS A 130 -2.76 -10.82 -2.39
N GLU A 131 -3.69 -10.73 -3.37
CA GLU A 131 -3.41 -11.15 -4.72
C GLU A 131 -2.30 -10.27 -5.34
N ALA A 132 -2.43 -8.96 -5.14
CA ALA A 132 -1.42 -8.02 -5.67
C ALA A 132 -0.08 -8.32 -5.02
N MET A 133 -0.06 -8.58 -3.72
CA MET A 133 1.21 -8.81 -3.01
C MET A 133 1.81 -10.15 -3.31
N GLU A 134 1.01 -11.16 -3.59
CA GLU A 134 1.51 -12.47 -4.03
C GLU A 134 2.23 -12.28 -5.39
N TYR A 135 1.63 -11.46 -6.25
CA TYR A 135 2.24 -11.15 -7.55
C TYR A 135 3.59 -10.42 -7.32
N LEU A 136 3.61 -9.37 -6.51
CA LEU A 136 4.91 -8.68 -6.21
C LEU A 136 5.93 -9.64 -5.61
N GLU A 137 5.52 -10.48 -4.66
CA GLU A 137 6.43 -11.46 -4.06
C GLU A 137 7.00 -12.40 -5.14
N SER A 138 6.20 -12.80 -6.12
CA SER A 138 6.65 -13.69 -7.19
C SER A 138 7.74 -13.00 -8.06
N LYS A 139 7.71 -11.65 -8.10
CA LYS A 139 8.67 -10.85 -8.82
C LYS A 139 9.77 -10.38 -7.91
N GLN A 140 9.81 -10.82 -6.63
CA GLN A 140 10.85 -10.42 -5.67
C GLN A 140 10.91 -8.88 -5.49
N PHE A 141 9.73 -8.24 -5.47
CA PHE A 141 9.60 -6.80 -5.51
C PHE A 141 8.90 -6.36 -4.20
N LEU A 142 9.57 -5.60 -3.36
CA LEU A 142 9.00 -5.11 -2.10
C LEU A 142 8.20 -3.83 -2.24
N HIS A 143 7.07 -3.77 -1.53
CA HIS A 143 6.36 -2.51 -1.48
C HIS A 143 7.11 -1.52 -0.59
N ARG A 144 7.34 -1.91 0.66
CA ARG A 144 8.00 -1.18 1.76
C ARG A 144 7.16 -0.14 2.48
N ASP A 145 5.97 0.14 1.95
CA ASP A 145 5.05 1.02 2.68
C ASP A 145 3.58 0.54 2.48
N LEU A 146 3.37 -0.74 2.71
CA LEU A 146 2.03 -1.27 2.55
C LEU A 146 1.15 -0.88 3.76
N ALA A 147 -0.01 -0.32 3.46
CA ALA A 147 -0.91 0.21 4.50
C ALA A 147 -2.17 0.65 3.77
N ALA A 148 -3.30 0.79 4.50
CA ALA A 148 -4.57 1.19 3.82
C ALA A 148 -4.42 2.54 3.15
N ARG A 149 -3.60 3.44 3.67
CA ARG A 149 -3.42 4.76 3.04
C ARG A 149 -2.74 4.62 1.67
N ASN A 150 -2.10 3.51 1.41
CA ASN A 150 -1.42 3.30 0.15
C ASN A 150 -2.09 2.23 -0.71
N CYS A 151 -3.40 2.05 -0.47
CA CYS A 151 -4.24 1.31 -1.37
C CYS A 151 -5.39 2.21 -1.87
N LEU A 152 -5.88 1.92 -3.06
CA LEU A 152 -6.89 2.76 -3.69
C LEU A 152 -8.09 1.86 -4.03
N VAL A 153 -9.22 2.50 -4.31
CA VAL A 153 -10.46 1.76 -4.59
C VAL A 153 -11.05 2.29 -5.91
N ASN A 154 -11.33 1.37 -6.82
CA ASN A 154 -11.88 1.79 -8.13
C ASN A 154 -13.40 1.93 -8.10
N ASP A 155 -13.97 2.27 -9.25
CA ASP A 155 -15.40 2.48 -9.38
C ASP A 155 -16.24 1.23 -9.13
N GLN A 156 -15.65 0.03 -9.16
CA GLN A 156 -16.32 -1.22 -8.86
C GLN A 156 -16.09 -1.69 -7.46
N GLY A 157 -15.41 -0.89 -6.62
CA GLY A 157 -15.11 -1.31 -5.27
C GLY A 157 -13.95 -2.27 -5.11
N VAL A 158 -13.19 -2.43 -6.18
CA VAL A 158 -12.00 -3.31 -6.13
C VAL A 158 -10.86 -2.51 -5.53
N VAL A 159 -10.18 -3.09 -4.56
CA VAL A 159 -9.01 -2.47 -3.92
C VAL A 159 -7.72 -2.88 -4.66
N LYS A 160 -6.89 -1.88 -4.94
CA LYS A 160 -5.61 -2.17 -5.61
C LYS A 160 -4.52 -1.50 -4.80
N VAL A 161 -3.34 -2.15 -4.87
CA VAL A 161 -2.14 -1.65 -4.17
C VAL A 161 -1.45 -0.57 -5.00
N SER A 162 -1.11 0.55 -4.35
CA SER A 162 -0.52 1.69 -5.05
C SER A 162 0.82 2.08 -4.52
N ASP A 163 1.59 2.70 -5.39
CA ASP A 163 2.88 3.34 -5.00
C ASP A 163 3.90 2.37 -4.45
N PHE A 164 3.78 1.10 -4.89
CA PHE A 164 4.72 0.04 -4.52
C PHE A 164 6.10 0.42 -5.03
N GLY A 165 7.14 0.29 -4.18
CA GLY A 165 8.51 0.52 -4.60
C GLY A 165 8.93 1.97 -4.65
N LEU A 166 8.00 2.93 -4.58
CA LEU A 166 8.38 4.33 -4.77
C LEU A 166 9.08 4.96 -3.56
N SER A 167 8.97 4.28 -2.40
CA SER A 167 9.62 4.80 -1.20
C SER A 167 11.14 4.99 -1.39
N ARG A 168 11.69 4.17 -2.27
CA ARG A 168 13.14 4.22 -2.54
C ARG A 168 13.62 5.52 -3.13
N TYR A 169 12.69 6.33 -3.68
CA TYR A 169 13.05 7.57 -4.37
C TYR A 169 12.67 8.82 -3.65
N VAL A 170 12.15 8.65 -2.38
CA VAL A 170 11.72 9.81 -1.60
C VAL A 170 12.92 10.44 -0.94
N LEU A 171 13.10 11.75 -1.18
CA LEU A 171 14.25 12.47 -0.58
C LEU A 171 14.02 12.99 0.86
N ASP A 172 12.81 12.99 1.36
CA ASP A 172 12.47 13.52 2.67
C ASP A 172 12.89 12.53 3.77
N ASP A 173 13.90 12.93 4.55
CA ASP A 173 14.45 12.05 5.59
C ASP A 173 13.45 11.79 6.70
N GLU A 174 12.42 12.64 6.85
CA GLU A 174 11.41 12.40 7.92
C GLU A 174 10.57 11.13 7.52
N TYR A 175 10.51 10.79 6.24
CA TYR A 175 9.84 9.61 5.78
C TYR A 175 10.70 8.35 5.74
N THR A 176 11.94 8.50 5.30
CA THR A 176 12.76 7.31 5.07
C THR A 176 13.61 6.87 6.27
N SER A 177 13.86 7.75 7.21
CA SER A 177 14.61 7.36 8.42
C SER A 177 13.60 6.72 9.39
N SER A 178 14.04 5.64 10.04
CA SER A 178 13.25 4.82 11.02
C SER A 178 12.78 5.70 12.20
N VAL A 179 13.54 6.80 12.48
CA VAL A 179 13.28 7.70 13.61
C VAL A 179 12.62 8.97 13.13
N GLY A 180 12.33 8.98 11.82
CA GLY A 180 11.59 10.10 11.22
C GLY A 180 10.12 10.20 11.59
N SER A 181 9.53 11.40 11.49
CA SER A 181 8.14 11.61 11.95
C SER A 181 7.11 11.00 11.02
N LYS A 182 7.51 10.69 9.78
CA LYS A 182 6.66 10.19 8.74
C LYS A 182 6.89 8.70 8.43
N PHE A 183 7.86 8.09 9.14
CA PHE A 183 8.20 6.68 8.87
C PHE A 183 6.99 5.81 9.28
N PRO A 184 6.70 4.72 8.54
CA PRO A 184 5.47 3.91 8.83
C PRO A 184 5.77 2.90 10.05
N VAL A 185 6.03 3.48 11.20
CA VAL A 185 6.36 2.70 12.43
C VAL A 185 5.31 1.63 12.72
N ARG A 186 4.02 2.03 12.66
CA ARG A 186 2.99 1.10 13.10
C ARG A 186 2.72 -0.06 12.11
N TRP A 187 3.34 -0.03 10.95
CA TRP A 187 3.21 -1.09 9.98
C TRP A 187 4.51 -1.90 9.80
N SER A 188 5.48 -1.64 10.71
CA SER A 188 6.82 -2.22 10.54
C SER A 188 7.12 -3.27 11.59
N PRO A 189 7.76 -4.37 11.20
CA PRO A 189 8.17 -5.40 12.14
C PRO A 189 9.34 -4.95 12.99
N PRO A 190 9.60 -5.62 14.10
CA PRO A 190 10.71 -5.21 14.99
C PRO A 190 12.06 -5.16 14.28
N GLU A 191 12.29 -6.09 13.35
CA GLU A 191 13.63 -6.15 12.73
C GLU A 191 13.85 -4.94 11.80
N VAL A 192 12.76 -4.37 11.25
CA VAL A 192 12.92 -3.12 10.50
C VAL A 192 13.24 -1.97 11.43
N LEU A 193 12.48 -1.86 12.54
CA LEU A 193 12.68 -0.72 13.42
C LEU A 193 14.05 -0.78 14.14
N MET A 194 14.49 -1.96 14.51
CA MET A 194 15.71 -2.08 15.31
C MET A 194 16.96 -2.13 14.39
N TYR A 195 16.84 -2.79 13.22
CA TYR A 195 18.05 -3.17 12.45
C TYR A 195 17.99 -2.77 10.98
N SER A 196 16.91 -2.14 10.51
CA SER A 196 16.76 -1.89 9.07
C SER A 196 16.81 -3.17 8.25
N LYS A 197 16.22 -4.24 8.76
CA LYS A 197 16.15 -5.49 8.06
C LYS A 197 14.84 -5.58 7.23
N PHE A 198 14.92 -5.21 5.98
CA PHE A 198 13.79 -5.23 5.06
C PHE A 198 13.81 -6.54 4.31
N SER A 199 12.58 -7.12 4.09
CA SER A 199 12.56 -8.38 3.38
C SER A 199 11.11 -8.60 2.90
N SER A 200 10.93 -9.72 2.24
CA SER A 200 9.52 -10.16 1.95
C SER A 200 8.69 -10.16 3.21
N LYS A 201 9.31 -10.56 4.30
CA LYS A 201 8.60 -10.76 5.59
C LYS A 201 8.27 -9.45 6.28
N SER A 202 8.87 -8.29 5.90
CA SER A 202 8.42 -7.02 6.42
C SER A 202 7.17 -6.53 5.69
N ASP A 203 7.05 -6.85 4.38
CA ASP A 203 5.78 -6.60 3.71
C ASP A 203 4.69 -7.53 4.28
N ILE A 204 5.01 -8.78 4.67
CA ILE A 204 4.01 -9.66 5.27
C ILE A 204 3.50 -9.03 6.54
N TRP A 205 4.37 -8.56 7.42
CA TRP A 205 3.98 -7.94 8.67
C TRP A 205 3.00 -6.77 8.40
N ALA A 206 3.40 -5.91 7.48
CA ALA A 206 2.58 -4.74 7.10
C ALA A 206 1.19 -5.20 6.60
N PHE A 207 1.19 -6.26 5.80
CA PHE A 207 -0.14 -6.82 5.34
C PHE A 207 -1.05 -7.19 6.49
N GLY A 208 -0.49 -7.83 7.52
CA GLY A 208 -1.35 -8.17 8.67
C GLY A 208 -1.88 -6.93 9.32
N VAL A 209 -1.09 -5.85 9.48
CA VAL A 209 -1.59 -4.61 10.00
C VAL A 209 -2.68 -4.03 9.10
N LEU A 210 -2.50 -4.12 7.77
CA LEU A 210 -3.53 -3.64 6.81
C LEU A 210 -4.83 -4.45 7.03
N MET A 211 -4.75 -5.78 7.19
CA MET A 211 -5.97 -6.54 7.46
C MET A 211 -6.62 -5.99 8.72
N TRP A 212 -5.86 -5.72 9.75
CA TRP A 212 -6.39 -5.14 10.99
C TRP A 212 -7.10 -3.81 10.71
N GLU A 213 -6.47 -2.95 9.88
CA GLU A 213 -7.08 -1.68 9.52
C GLU A 213 -8.43 -1.91 8.84
N ILE A 214 -8.48 -2.88 7.91
CA ILE A 214 -9.74 -3.18 7.19
C ILE A 214 -10.81 -3.61 8.16
N TYR A 215 -10.54 -4.59 8.99
CA TYR A 215 -11.53 -5.14 9.94
C TYR A 215 -11.88 -4.20 11.05
N SER A 216 -11.07 -3.17 11.30
CA SER A 216 -11.32 -2.14 12.26
C SER A 216 -12.04 -0.91 11.64
N LEU A 217 -12.32 -1.01 10.34
CA LEU A 217 -12.97 0.11 9.63
C LEU A 217 -12.12 1.39 9.75
N GLY A 218 -10.79 1.20 9.62
CA GLY A 218 -9.88 2.32 9.45
C GLY A 218 -9.36 2.98 10.72
N LYS A 219 -9.47 2.28 11.86
CA LYS A 219 -8.81 2.78 13.10
C LYS A 219 -7.28 2.85 12.86
N MET A 220 -6.67 3.80 13.55
CA MET A 220 -5.17 3.82 13.61
C MET A 220 -4.61 2.57 14.42
N PRO A 221 -3.76 1.78 13.83
CA PRO A 221 -3.19 0.70 14.61
C PRO A 221 -2.52 1.23 15.88
N TYR A 222 -2.74 0.54 16.99
CA TYR A 222 -2.21 0.92 18.30
C TYR A 222 -2.64 2.34 18.64
N GLU A 223 -3.97 2.50 18.56
CA GLU A 223 -4.59 3.86 18.58
C GLU A 223 -4.42 4.61 19.84
N ARG A 224 -4.08 3.92 20.96
CA ARG A 224 -3.85 4.62 22.17
C ARG A 224 -2.37 4.80 22.54
N PHE A 225 -1.48 4.39 21.63
CA PHE A 225 -0.03 4.48 21.85
C PHE A 225 0.62 5.50 20.87
N THR A 226 1.81 6.00 21.23
CA THR A 226 2.64 6.73 20.27
C THR A 226 3.46 5.74 19.44
N ASN A 227 4.12 6.26 18.38
CA ASN A 227 5.06 5.43 17.60
C ASN A 227 6.12 4.82 18.47
N SER A 228 6.72 5.59 19.37
CA SER A 228 7.79 5.09 20.30
C SER A 228 7.24 3.95 21.19
N GLU A 229 6.04 4.11 21.72
CA GLU A 229 5.40 3.10 22.58
C GLU A 229 5.06 1.85 21.75
N THR A 230 4.62 2.02 20.49
CA THR A 230 4.28 0.89 19.66
C THR A 230 5.56 0.01 19.43
N ALA A 231 6.66 0.68 19.09
CA ALA A 231 7.92 -0.05 18.89
C ALA A 231 8.24 -0.89 20.13
N GLU A 232 8.15 -0.32 21.32
CA GLU A 232 8.37 -1.08 22.60
C GLU A 232 7.39 -2.25 22.83
N HIS A 233 6.11 -2.01 22.59
CA HIS A 233 4.99 -2.98 22.79
C HIS A 233 5.28 -4.22 21.90
N ILE A 234 5.71 -4.00 20.64
CA ILE A 234 5.91 -5.11 19.73
C ILE A 234 7.22 -5.83 19.99
N ALA A 235 8.24 -5.12 20.53
CA ALA A 235 9.49 -5.74 20.91
C ALA A 235 9.27 -6.66 22.12
N GLN A 236 8.31 -6.36 22.98
CA GLN A 236 7.80 -7.26 24.06
C GLN A 236 6.95 -8.46 23.69
N GLY A 237 6.64 -8.62 22.42
CA GLY A 237 5.84 -9.75 21.97
C GLY A 237 4.32 -9.57 21.93
N LEU A 238 3.94 -8.35 22.27
CA LEU A 238 2.49 -8.03 22.34
C LEU A 238 2.06 -7.52 20.93
N ARG A 239 0.76 -7.65 20.63
CA ARG A 239 0.26 -7.47 19.29
C ARG A 239 -1.03 -6.73 19.30
N LEU A 240 -1.52 -6.35 18.12
CA LEU A 240 -2.85 -5.75 17.99
C LEU A 240 -3.95 -6.76 18.42
N TYR A 241 -4.98 -6.25 19.09
CA TYR A 241 -6.11 -7.06 19.52
C TYR A 241 -7.00 -7.38 18.31
N ARG A 242 -7.84 -8.39 18.49
CA ARG A 242 -8.76 -8.79 17.44
C ARG A 242 -9.86 -7.75 17.23
N PRO A 243 -9.98 -7.21 16.00
CA PRO A 243 -11.08 -6.28 15.78
C PRO A 243 -12.43 -7.05 15.96
N HIS A 244 -13.43 -6.32 16.48
CA HIS A 244 -14.69 -6.99 16.70
C HIS A 244 -15.24 -7.74 15.51
N LEU A 245 -15.09 -7.14 14.31
CA LEU A 245 -15.66 -7.73 13.09
C LEU A 245 -14.90 -8.95 12.60
N ALA A 246 -13.69 -9.19 13.15
CA ALA A 246 -12.89 -10.35 12.69
C ALA A 246 -13.26 -11.61 13.50
N SER A 247 -13.52 -12.70 12.77
CA SER A 247 -13.70 -14.04 13.38
C SER A 247 -12.36 -14.51 13.95
N ALA A 248 -12.37 -15.60 14.71
CA ALA A 248 -11.09 -16.21 15.18
C ALA A 248 -10.23 -16.55 13.99
N ALA A 249 -10.83 -17.11 12.93
CA ALA A 249 -10.03 -17.53 11.76
C ALA A 249 -9.39 -16.35 11.07
N VAL A 250 -10.11 -15.24 10.91
CA VAL A 250 -9.52 -14.01 10.28
C VAL A 250 -8.42 -13.49 11.19
N TYR A 251 -8.66 -13.44 12.51
CA TYR A 251 -7.61 -13.01 13.40
C TYR A 251 -6.36 -13.86 13.32
N THR A 252 -6.52 -15.16 13.20
CA THR A 252 -5.37 -16.07 13.09
C THR A 252 -4.54 -15.66 11.85
N ILE A 253 -5.22 -15.37 10.74
CA ILE A 253 -4.48 -14.99 9.51
C ILE A 253 -3.68 -13.74 9.79
N MET A 254 -4.27 -12.65 10.26
CA MET A 254 -3.51 -11.40 10.45
C MET A 254 -2.41 -11.61 11.49
N TYR A 255 -2.71 -12.35 12.57
CA TYR A 255 -1.77 -12.55 13.67
C TYR A 255 -0.56 -13.36 13.17
N SER A 256 -0.75 -14.27 12.21
CA SER A 256 0.34 -15.10 11.65
C SER A 256 1.40 -14.23 10.99
N CYS A 257 1.00 -13.03 10.52
CA CYS A 257 1.93 -12.09 9.87
C CYS A 257 2.83 -11.44 10.90
N TRP A 258 2.59 -11.59 12.17
CA TRP A 258 3.29 -10.83 13.22
C TRP A 258 4.22 -11.71 14.07
N HIS A 259 4.57 -12.90 13.55
CA HIS A 259 5.50 -13.73 14.31
C HIS A 259 6.78 -12.97 14.59
N GLU A 260 7.29 -13.14 15.81
CA GLU A 260 8.58 -12.48 16.11
C GLU A 260 9.74 -12.91 15.21
N LYS A 261 9.69 -14.16 14.76
CA LYS A 261 10.72 -14.68 13.84
C LYS A 261 10.21 -14.51 12.42
N ALA A 262 10.89 -13.66 11.64
CA ALA A 262 10.45 -13.38 10.28
C ALA A 262 10.25 -14.64 9.44
N ASP A 263 11.17 -15.63 9.57
CA ASP A 263 11.09 -16.79 8.73
C ASP A 263 9.93 -17.71 9.11
N GLU A 264 9.25 -17.43 10.23
CA GLU A 264 8.07 -18.15 10.60
C GLU A 264 6.76 -17.52 10.07
N ARG A 265 6.86 -16.33 9.50
CA ARG A 265 5.71 -15.69 8.91
C ARG A 265 5.43 -16.33 7.57
N PRO A 266 4.13 -16.38 7.21
CA PRO A 266 3.75 -17.03 5.94
C PRO A 266 4.26 -16.23 4.73
N THR A 267 4.13 -16.83 3.55
CA THR A 267 4.30 -16.11 2.28
C THR A 267 2.90 -15.57 1.90
N PHE A 268 2.84 -14.68 0.90
CA PHE A 268 1.56 -14.21 0.39
C PHE A 268 0.79 -15.30 -0.29
N LYS A 269 1.45 -16.30 -0.89
CA LYS A 269 0.77 -17.45 -1.45
C LYS A 269 0.01 -18.21 -0.38
N ILE A 270 0.65 -18.45 0.77
CA ILE A 270 -0.03 -19.15 1.88
C ILE A 270 -1.16 -18.27 2.42
N LEU A 271 -0.92 -17.00 2.62
CA LEU A 271 -1.99 -16.08 3.09
C LEU A 271 -3.21 -16.11 2.16
N LEU A 272 -2.94 -16.15 0.84
CA LEU A 272 -4.07 -16.15 -0.11
C LEU A 272 -4.89 -17.43 0.07
N SER A 273 -4.21 -18.57 0.19
CA SER A 273 -4.88 -19.85 0.45
C SER A 273 -5.69 -19.80 1.76
N ASN A 274 -5.14 -19.17 2.81
CA ASN A 274 -5.86 -19.07 4.08
C ASN A 274 -7.12 -18.20 3.93
N ILE A 275 -6.97 -17.08 3.20
CA ILE A 275 -8.12 -16.21 3.02
C ILE A 275 -9.23 -16.90 2.23
N LEU A 276 -8.86 -17.61 1.16
CA LEU A 276 -9.85 -18.37 0.36
C LEU A 276 -10.54 -19.43 1.20
N ASP A 277 -9.80 -20.09 2.09
CA ASP A 277 -10.39 -21.09 3.00
C ASP A 277 -11.42 -20.46 3.93
N VAL A 278 -11.12 -19.28 4.47
CA VAL A 278 -12.07 -18.61 5.38
C VAL A 278 -13.29 -18.17 4.60
N MET A 279 -13.09 -17.68 3.37
CA MET A 279 -14.28 -17.34 2.55
C MET A 279 -15.17 -18.56 2.36
N ASP A 280 -14.59 -19.71 2.12
CA ASP A 280 -15.39 -20.93 1.94
C ASP A 280 -16.07 -21.39 3.22
N GLU A 281 -15.40 -21.20 4.34
CA GLU A 281 -15.91 -21.69 5.63
C GLU A 281 -16.99 -20.77 6.20
N GLU A 282 -16.87 -19.46 5.99
CA GLU A 282 -17.57 -18.48 6.79
C GLU A 282 -18.51 -17.66 5.90
C1 3OV B . -5.91 7.91 -7.89
C2 3OV B . -6.42 8.78 -6.93
C3 3OV B . -5.65 9.49 -6.06
C4 3OV B . -4.20 9.34 -6.15
C5 3OV B . -3.74 8.47 -7.09
N6 3OV B . -4.53 7.78 -7.94
C7 3OV B . -4.03 6.81 -8.89
O8 3OV B . -6.59 7.26 -8.70
N9 3OV B . -7.86 8.86 -6.99
C10 3OV B . -8.70 9.66 -6.28
C11 3OV B . -10.07 9.60 -6.66
C12 3OV B . -10.94 10.41 -5.97
C13 3OV B . -10.49 11.30 -5.01
C14 3OV B . -9.12 11.29 -4.70
N15 3OV B . -8.28 10.48 -5.37
C16 3OV B . -11.41 12.18 -4.27
O17 3OV B . -12.36 11.62 -3.73
N18 3OV B . -11.24 13.53 -4.24
C19 3OV B . -12.30 14.36 -3.52
C20 3OV B . -11.60 15.48 -2.74
O21 3OV B . -10.84 16.30 -3.65
C22 3OV B . -9.75 15.56 -4.32
C23 3OV B . -10.16 14.24 -4.97
C24 3OV B . -3.32 10.11 -5.28
C25 3OV B . -3.53 11.48 -5.11
C26 3OV B . -2.76 12.30 -4.32
C27 3OV B . -1.66 11.69 -3.67
C28 3OV B . -1.41 10.35 -3.86
C29 3OV B . -2.21 9.51 -4.59
C30 3OV B . -1.96 8.02 -4.63
N31 3OV B . -0.30 9.74 -3.14
C32 3OV B . -0.55 9.03 -1.99
C33 3OV B . 0.37 8.28 -1.37
C34 3OV B . 0.91 9.73 -3.77
C35 3OV B . 1.97 8.96 -3.14
C36 3OV B . 1.69 8.19 -1.99
C37 3OV B . 2.67 7.35 -1.40
C38 3OV B . 3.93 7.25 -1.94
C39 3OV B . 4.26 8.02 -3.08
C40 3OV B . 3.25 8.78 -3.63
N41 3OV B . 4.88 6.42 -1.40
C42 3OV B . 4.47 5.36 -0.45
C43 3OV B . 6.29 6.70 -1.59
O44 3OV B . 1.09 10.33 -4.84
O45 3OV B . -0.91 7.73 -5.57
F46 3OV B . 3.59 9.44 -4.79
S DMS C . 10.88 4.03 4.27
O DMS C . 11.54 4.59 3.02
C1 DMS C . 9.25 4.38 4.26
C2 DMS C . 10.98 2.30 4.14
S DMS D . 7.37 -1.95 6.78
O DMS D . 7.26 -2.82 5.60
C1 DMS D . 8.72 -0.84 6.58
C2 DMS D . 6.02 -0.88 6.56
#